data_2QTW
#
_entry.id   2QTW
#
_cell.length_a   62.427
_cell.length_b   70.149
_cell.length_c   148.590
_cell.angle_alpha   90.00
_cell.angle_beta   90.00
_cell.angle_gamma   90.00
#
_symmetry.space_group_name_H-M   'P 21 21 21'
#
loop_
_entity.id
_entity.type
_entity.pdbx_description
1 polymer 'Proprotein convertase subtilisin/kexin type 9 Propeptide'
2 polymer 'Proprotein convertase subtilisin/kexin type 9'
3 non-polymer 2-acetamido-2-deoxy-beta-D-glucopyranose
4 non-polymer 'CALCIUM ION'
5 water water
#
loop_
_entity_poly.entity_id
_entity_poly.type
_entity_poly.pdbx_seq_one_letter_code
_entity_poly.pdbx_strand_id
1 'polypeptide(L)'
;RAQEDEDGDYEELVLALRSEEDGLAEAPEHGTTATFHRCAKDPWRLPGTYVVVLKEETHLSQSERTARRLQAQAARRGYL
TKILHVFHGLLPGFLVKMSGDLLELALKLPHVDYIEEDSSVFAQ
;
A
2 'polypeptide(L)'
;SIPWNLERITPPRYRADEYQPPDGGSLVEVYLLDTSIQSDHREIEGRVMVTDFENVPEEDGTRFHRQASKCDSHGTHLAG
VVSGRDAGVAKGASMRSLRVLNCQGKGTVSGTLIGLEFIRKSQLVQPVGPLVVLLPLAGGYSRVLNAACQRLARAGVVLV
TAAGNFRDDACLYSPASAPEVITVGATNAQDQPVTLGTLGTNFGRCVDLFAPGEDIIGASSDCSTCFVSQSGTSQAAAHV
AGIAAMMLSAEPELTLAELRQRLIHFSAKDVINEAWFPEDQRVLTPNLVAALPPSTHGAGWQLFCRTVWSAHSGPTRMAT
AIARCAPDEELLSCSSFSRSGKRRGERMEAQGGKLVCRAHNAFGGEGVYAIARCCLLPQANCSVHTAPPAEASMGTRVHC
HQQGHVLTGCSSHWEVEDLGTHKPPVLRPRGQPNQCVGHREASIHASCCHAPGLECKVKEHGIPAPQEQVTVACEEGWTL
TGCSALPGTSHVLGAYAVDNTCVVRSRDVSTTGSTSEEAVTAVAICCRSRHLAQASQELQHHHHHH
;
B
#
# COMPACT_ATOMS: atom_id res chain seq x y z
N THR A 33 18.14 -11.24 -19.55
CA THR A 33 17.46 -10.75 -18.32
C THR A 33 15.92 -10.98 -18.32
N ALA A 34 15.35 -11.63 -19.33
CA ALA A 34 13.87 -11.76 -19.39
C ALA A 34 13.46 -12.93 -18.54
N THR A 35 12.44 -12.75 -17.68
CA THR A 35 12.07 -13.80 -16.75
C THR A 35 10.60 -14.21 -16.89
N PHE A 36 10.28 -15.38 -16.40
CA PHE A 36 8.94 -15.93 -16.47
C PHE A 36 8.34 -16.05 -15.06
N HIS A 37 7.05 -15.82 -14.96
CA HIS A 37 6.38 -15.86 -13.70
C HIS A 37 5.02 -16.43 -13.86
N ARG A 38 4.62 -17.25 -12.91
CA ARG A 38 3.26 -17.70 -12.84
C ARG A 38 2.79 -17.79 -11.40
N CYS A 39 1.48 -17.85 -11.27
CA CYS A 39 0.82 -17.72 -9.99
C CYS A 39 1.28 -18.88 -9.12
N ALA A 40 1.67 -18.52 -7.90
CA ALA A 40 2.09 -19.49 -6.86
C ALA A 40 0.91 -20.31 -6.38
N LYS A 41 -0.30 -19.76 -6.41
CA LYS A 41 -1.51 -20.47 -6.01
C LYS A 41 -1.93 -21.25 -7.23
N ASP A 42 -1.50 -22.52 -7.30
CA ASP A 42 -1.63 -23.30 -8.53
C ASP A 42 -3.06 -23.35 -9.08
N PRO A 43 -4.09 -23.50 -8.22
CA PRO A 43 -5.48 -23.53 -8.72
C PRO A 43 -5.93 -22.26 -9.44
N TRP A 44 -5.23 -21.15 -9.23
CA TRP A 44 -5.66 -19.86 -9.79
C TRP A 44 -4.99 -19.55 -11.11
N ARG A 45 -4.07 -20.42 -11.52
CA ARG A 45 -3.37 -20.27 -12.78
C ARG A 45 -4.29 -20.51 -13.97
N LEU A 46 -4.00 -19.86 -15.10
CA LEU A 46 -4.73 -20.04 -16.34
C LEU A 46 -3.73 -20.24 -17.46
N PRO A 47 -3.12 -21.44 -17.51
CA PRO A 47 -2.12 -21.80 -18.47
C PRO A 47 -2.66 -21.60 -19.89
N GLY A 48 -1.77 -21.35 -20.83
CA GLY A 48 -2.17 -21.20 -22.21
C GLY A 48 -2.38 -19.76 -22.65
N THR A 49 -2.39 -18.80 -21.72
CA THR A 49 -2.43 -17.36 -22.08
C THR A 49 -1.39 -16.66 -21.25
N TYR A 50 -0.60 -15.80 -21.88
CA TYR A 50 0.57 -15.18 -21.30
C TYR A 50 0.54 -13.69 -21.59
N VAL A 51 0.89 -12.91 -20.57
CA VAL A 51 1.12 -11.49 -20.69
C VAL A 51 2.61 -11.24 -20.90
N VAL A 52 2.96 -10.69 -22.05
CA VAL A 52 4.31 -10.44 -22.43
C VAL A 52 4.56 -9.01 -22.16
N VAL A 53 5.40 -8.77 -21.15
CA VAL A 53 5.67 -7.43 -20.73
C VAL A 53 7.00 -6.98 -21.25
N LEU A 54 6.99 -5.88 -21.99
CA LEU A 54 8.17 -5.38 -22.62
C LEU A 54 8.78 -4.27 -21.78
N LYS A 55 10.02 -3.89 -22.06
CA LYS A 55 10.73 -2.93 -21.23
C LYS A 55 10.06 -1.59 -21.34
N GLU A 56 10.14 -0.83 -20.26
CA GLU A 56 9.39 0.42 -20.04
C GLU A 56 9.24 1.37 -21.23
N GLU A 57 10.30 1.64 -21.92
CA GLU A 57 10.22 2.69 -22.95
C GLU A 57 9.85 2.12 -24.34
N THR A 58 9.51 0.84 -24.38
CA THR A 58 9.11 0.21 -25.64
C THR A 58 7.88 0.89 -26.23
N HIS A 59 7.96 1.17 -27.52
CA HIS A 59 6.90 1.87 -28.22
C HIS A 59 5.86 0.90 -28.77
N LEU A 60 4.62 1.35 -28.85
CA LEU A 60 3.54 0.52 -29.39
C LEU A 60 3.93 -0.17 -30.72
N SER A 61 4.58 0.56 -31.62
CA SER A 61 4.98 -0.05 -32.89
C SER A 61 5.94 -1.22 -32.66
N GLN A 62 6.84 -1.07 -31.69
CA GLN A 62 7.79 -2.13 -31.36
C GLN A 62 7.03 -3.29 -30.71
N SER A 63 6.04 -3.02 -29.86
CA SER A 63 5.21 -4.09 -29.26
C SER A 63 4.47 -4.92 -30.30
N GLU A 64 3.85 -4.23 -31.26
CA GLU A 64 3.13 -4.90 -32.30
C GLU A 64 4.08 -5.74 -33.16
N ARG A 65 5.24 -5.19 -33.52
CA ARG A 65 6.21 -5.92 -34.28
C ARG A 65 6.70 -7.13 -33.51
N THR A 66 6.88 -6.98 -32.20
CA THR A 66 7.32 -8.11 -31.36
C THR A 66 6.27 -9.22 -31.30
N ALA A 67 5.01 -8.85 -31.20
CA ALA A 67 3.93 -9.80 -31.26
C ALA A 67 3.91 -10.56 -32.57
N ARG A 68 4.06 -9.85 -33.69
CA ARG A 68 4.08 -10.45 -35.00
C ARG A 68 5.25 -11.39 -35.13
N ARG A 69 6.40 -11.00 -34.61
CA ARG A 69 7.58 -11.82 -34.69
C ARG A 69 7.34 -13.14 -33.98
N LEU A 70 6.81 -13.07 -32.76
CA LEU A 70 6.41 -14.26 -32.02
C LEU A 70 5.47 -15.17 -32.82
N GLN A 71 4.44 -14.61 -33.43
CA GLN A 71 3.48 -15.43 -34.15
C GLN A 71 4.14 -16.10 -35.35
N ALA A 72 5.07 -15.39 -35.99
CA ALA A 72 5.82 -15.93 -37.15
C ALA A 72 6.76 -17.04 -36.70
N GLN A 73 7.53 -16.77 -35.66
CA GLN A 73 8.46 -17.76 -35.09
C GLN A 73 7.72 -18.97 -34.58
N ALA A 74 6.55 -18.76 -33.99
CA ALA A 74 5.69 -19.86 -33.54
C ALA A 74 5.19 -20.70 -34.71
N ALA A 75 4.62 -20.02 -35.71
CA ALA A 75 4.09 -20.65 -36.92
C ALA A 75 5.13 -21.50 -37.60
N ARG A 76 6.36 -21.06 -37.60
CA ARG A 76 7.45 -21.82 -38.21
C ARG A 76 7.74 -23.10 -37.41
N ARG A 77 7.31 -23.11 -36.17
CA ARG A 77 7.55 -24.29 -35.32
CA ARG A 77 7.51 -24.24 -35.33
C ARG A 77 6.29 -25.11 -35.29
N GLY A 78 5.28 -24.77 -36.05
CA GLY A 78 4.05 -25.54 -36.12
C GLY A 78 3.02 -25.17 -35.07
N TYR A 79 3.18 -24.02 -34.41
CA TYR A 79 2.30 -23.59 -33.34
C TYR A 79 1.35 -22.49 -33.77
N LEU A 80 0.07 -22.64 -33.46
CA LEU A 80 -0.92 -21.59 -33.61
C LEU A 80 -0.78 -20.63 -32.41
N THR A 81 -0.89 -19.34 -32.67
CA THR A 81 -0.93 -18.34 -31.61
C THR A 81 -2.05 -17.35 -31.88
N LYS A 82 -2.49 -16.66 -30.85
CA LYS A 82 -3.45 -15.59 -31.03
C LYS A 82 -3.03 -14.46 -30.12
N ILE A 83 -2.86 -13.28 -30.73
CA ILE A 83 -2.58 -12.07 -29.99
C ILE A 83 -3.93 -11.50 -29.64
N LEU A 84 -4.26 -11.62 -28.37
CA LEU A 84 -5.55 -11.19 -27.89
C LEU A 84 -5.65 -9.70 -27.68
N HIS A 85 -4.55 -9.03 -27.41
CA HIS A 85 -4.55 -7.62 -27.02
C HIS A 85 -3.12 -7.13 -27.06
N VAL A 86 -2.93 -5.88 -27.49
CA VAL A 86 -1.62 -5.25 -27.41
C VAL A 86 -1.77 -4.12 -26.43
N PHE A 87 -0.93 -4.15 -25.42
CA PHE A 87 -0.96 -3.24 -24.35
C PHE A 87 -0.18 -2.01 -24.73
N HIS A 88 -0.78 -0.86 -24.50
CA HIS A 88 0.00 0.36 -24.47
C HIS A 88 -0.72 1.39 -23.61
N GLY A 89 0.04 2.23 -22.93
CA GLY A 89 -0.60 3.25 -22.10
C GLY A 89 -0.27 3.14 -20.64
N LEU A 90 -0.10 1.91 -20.16
CA LEU A 90 0.46 1.73 -18.83
C LEU A 90 1.76 0.94 -18.92
N LEU A 91 1.63 -0.29 -19.40
CA LEU A 91 2.73 -1.18 -19.64
C LEU A 91 2.72 -1.43 -21.14
N PRO A 92 3.89 -1.49 -21.76
CA PRO A 92 3.88 -2.02 -23.12
C PRO A 92 3.99 -3.55 -23.12
N GLY A 93 3.34 -4.18 -24.09
CA GLY A 93 3.39 -5.61 -24.23
C GLY A 93 2.19 -6.10 -24.99
N PHE A 94 1.88 -7.38 -24.80
CA PHE A 94 0.75 -7.99 -25.45
C PHE A 94 0.26 -9.20 -24.67
N LEU A 95 -0.96 -9.57 -24.91
CA LEU A 95 -1.54 -10.74 -24.33
C LEU A 95 -1.61 -11.74 -25.44
N VAL A 96 -1.10 -12.96 -25.21
CA VAL A 96 -1.03 -13.98 -26.26
C VAL A 96 -1.54 -15.34 -25.76
N LYS A 97 -2.36 -15.97 -26.59
CA LYS A 97 -2.84 -17.32 -26.37
C LYS A 97 -1.97 -18.22 -27.17
N MET A 98 -1.22 -19.06 -26.47
CA MET A 98 -0.23 -19.91 -27.09
C MET A 98 0.10 -21.01 -26.10
N SER A 99 0.75 -22.03 -26.65
CA SER A 99 1.31 -23.07 -25.81
C SER A 99 2.49 -22.53 -25.02
N GLY A 100 2.60 -22.98 -23.79
CA GLY A 100 3.75 -22.62 -22.95
C GLY A 100 5.05 -23.15 -23.49
N ASP A 101 4.97 -24.15 -24.38
CA ASP A 101 6.16 -24.60 -25.10
C ASP A 101 6.96 -23.45 -25.70
N LEU A 102 6.26 -22.41 -26.13
CA LEU A 102 6.94 -21.28 -26.78
C LEU A 102 7.57 -20.28 -25.83
N LEU A 103 7.53 -20.52 -24.52
CA LEU A 103 8.02 -19.49 -23.61
C LEU A 103 9.50 -19.22 -23.70
N GLU A 104 10.32 -20.24 -23.84
CA GLU A 104 11.74 -20.03 -24.05
C GLU A 104 11.97 -19.18 -25.31
N LEU A 105 11.26 -19.48 -26.38
CA LEU A 105 11.35 -18.66 -27.60
C LEU A 105 10.95 -17.19 -27.31
N ALA A 106 9.81 -17.04 -26.64
CA ALA A 106 9.23 -15.74 -26.32
C ALA A 106 10.12 -14.89 -25.44
N LEU A 107 10.79 -15.53 -24.48
CA LEU A 107 11.70 -14.81 -23.62
C LEU A 107 12.89 -14.26 -24.36
N LYS A 108 13.18 -14.77 -25.56
CA LYS A 108 14.30 -14.29 -26.34
C LYS A 108 13.89 -13.20 -27.33
N LEU A 109 12.62 -12.82 -27.35
CA LEU A 109 12.20 -11.74 -28.25
C LEU A 109 12.80 -10.42 -27.83
N PRO A 110 12.94 -9.49 -28.81
CA PRO A 110 13.46 -8.20 -28.44
C PRO A 110 12.50 -7.49 -27.50
N HIS A 111 13.04 -6.64 -26.65
CA HIS A 111 12.25 -5.81 -25.76
C HIS A 111 11.60 -6.51 -24.58
N VAL A 112 11.71 -7.85 -24.46
CA VAL A 112 10.98 -8.51 -23.38
C VAL A 112 11.58 -8.18 -22.01
N ASP A 113 10.72 -7.76 -21.09
CA ASP A 113 11.11 -7.61 -19.70
C ASP A 113 10.81 -8.91 -18.93
N TYR A 114 9.55 -9.35 -18.97
CA TYR A 114 9.16 -10.61 -18.39
C TYR A 114 7.84 -11.05 -19.01
N ILE A 115 7.51 -12.31 -18.78
CA ILE A 115 6.30 -12.89 -19.23
C ILE A 115 5.59 -13.50 -18.00
N GLU A 116 4.29 -13.22 -17.86
CA GLU A 116 3.49 -13.80 -16.81
C GLU A 116 2.31 -14.59 -17.34
N GLU A 117 2.13 -15.81 -16.85
CA GLU A 117 1.01 -16.63 -17.22
C GLU A 117 -0.22 -15.96 -16.63
N ASP A 118 -1.31 -15.96 -17.38
CA ASP A 118 -2.53 -15.33 -16.87
C ASP A 118 -3.01 -16.13 -15.66
N SER A 119 -3.79 -15.49 -14.82
CA SER A 119 -4.33 -16.09 -13.61
C SER A 119 -5.62 -15.42 -13.17
N SER A 120 -6.25 -16.04 -12.19
CA SER A 120 -7.58 -15.66 -11.73
C SER A 120 -7.56 -14.61 -10.60
N VAL A 121 -8.54 -13.72 -10.62
CA VAL A 121 -8.82 -12.81 -9.52
C VAL A 121 -10.25 -13.00 -9.15
N PHE A 122 -10.61 -12.58 -7.93
CA PHE A 122 -11.89 -12.87 -7.37
C PHE A 122 -12.41 -11.71 -6.58
N ALA A 123 -13.71 -11.50 -6.66
CA ALA A 123 -14.46 -10.52 -5.92
C ALA A 123 -14.18 -10.71 -4.44
N GLN A 124 -13.93 -9.63 -3.72
CA GLN A 124 -13.66 -9.76 -2.30
C GLN A 124 -14.84 -9.23 -1.50
N SER B 1 -30.79 4.83 13.15
CA SER B 1 -31.17 4.57 11.73
C SER B 1 -29.98 4.71 10.76
N ILE B 2 -29.02 5.60 11.04
CA ILE B 2 -27.80 5.70 10.21
C ILE B 2 -27.13 4.31 10.26
N PRO B 3 -26.84 3.70 9.10
CA PRO B 3 -26.04 2.49 9.14
C PRO B 3 -24.78 2.66 9.97
N TRP B 4 -24.42 1.65 10.75
CA TRP B 4 -23.31 1.73 11.71
C TRP B 4 -22.00 2.17 11.08
N ASN B 5 -21.77 1.69 9.85
CA ASN B 5 -20.55 1.93 9.11
C ASN B 5 -20.40 3.34 8.70
N LEU B 6 -21.52 3.96 8.34
CA LEU B 6 -21.48 5.37 7.97
C LEU B 6 -21.33 6.25 9.21
N GLU B 7 -21.89 5.84 10.34
CA GLU B 7 -21.57 6.51 11.59
C GLU B 7 -20.08 6.32 11.99
N ARG B 8 -19.55 5.13 11.74
CA ARG B 8 -18.20 4.83 12.20
C ARG B 8 -17.16 5.75 11.54
N ILE B 9 -17.39 6.09 10.28
CA ILE B 9 -16.47 6.93 9.53
C ILE B 9 -16.76 8.42 9.67
N THR B 10 -17.81 8.74 10.42
CA THR B 10 -18.14 10.13 10.69
C THR B 10 -17.27 10.64 11.80
N PRO B 11 -16.60 11.77 11.56
CA PRO B 11 -15.64 12.30 12.48
C PRO B 11 -16.32 12.95 13.70
N PRO B 12 -15.54 13.23 14.73
CA PRO B 12 -16.05 13.78 15.98
C PRO B 12 -16.57 15.19 15.83
N ARG B 13 -16.27 15.82 14.70
CA ARG B 13 -16.77 17.13 14.41
C ARG B 13 -17.09 17.21 12.94
N TYR B 14 -18.31 17.58 12.61
CA TYR B 14 -18.70 17.65 11.21
C TYR B 14 -19.83 18.62 10.91
N ARG B 15 -19.95 18.92 9.63
CA ARG B 15 -20.80 19.98 9.10
C ARG B 15 -21.77 19.36 8.13
N GLY B 24 -21.06 14.39 -1.35
CA GLY B 24 -19.73 14.93 -1.59
C GLY B 24 -19.09 14.14 -2.70
N GLY B 25 -17.83 14.44 -2.99
CA GLY B 25 -17.07 13.72 -4.00
C GLY B 25 -17.23 14.09 -5.48
N SER B 26 -17.78 15.26 -5.82
CA SER B 26 -18.33 15.54 -7.19
C SER B 26 -17.33 15.96 -8.30
N LEU B 27 -16.30 16.66 -7.88
CA LEU B 27 -15.15 17.01 -8.69
C LEU B 27 -14.29 15.74 -9.04
N VAL B 28 -14.49 14.67 -8.28
CA VAL B 28 -13.76 13.43 -8.40
C VAL B 28 -14.63 12.41 -9.13
N GLU B 29 -13.98 11.51 -9.86
CA GLU B 29 -14.65 10.39 -10.45
C GLU B 29 -14.06 9.11 -9.85
N VAL B 30 -14.93 8.16 -9.51
CA VAL B 30 -14.53 6.87 -8.96
C VAL B 30 -14.80 5.83 -10.01
N TYR B 31 -13.75 5.18 -10.48
CA TYR B 31 -13.94 4.02 -11.37
C TYR B 31 -14.08 2.73 -10.57
N LEU B 32 -14.97 1.84 -10.99
CA LEU B 32 -15.18 0.56 -10.30
C LEU B 32 -14.83 -0.55 -11.27
N LEU B 33 -13.92 -1.45 -10.91
CA LEU B 33 -13.66 -2.62 -11.74
C LEU B 33 -14.25 -3.84 -11.02
N ASP B 34 -15.32 -4.41 -11.55
CA ASP B 34 -16.10 -5.34 -10.71
C ASP B 34 -16.98 -6.17 -11.60
N THR B 35 -18.06 -6.69 -11.04
CA THR B 35 -19.07 -7.42 -11.77
C THR B 35 -19.88 -6.41 -12.52
N SER B 36 -20.85 -6.88 -13.29
CA SER B 36 -21.79 -5.95 -13.88
C SER B 36 -22.58 -5.30 -12.76
N ILE B 37 -23.26 -4.22 -13.02
CA ILE B 37 -24.02 -3.54 -11.97
C ILE B 37 -25.47 -3.30 -12.44
N GLN B 38 -26.35 -3.16 -11.56
CA GLN B 38 -27.71 -2.73 -11.86
C GLN B 38 -27.71 -1.20 -11.79
N SER B 39 -27.43 -0.54 -12.91
CA SER B 39 -27.21 0.89 -12.91
C SER B 39 -28.46 1.75 -12.71
N ASP B 40 -29.63 1.15 -12.80
CA ASP B 40 -30.90 1.83 -12.58
C ASP B 40 -31.40 1.73 -11.14
N HIS B 41 -30.66 1.06 -10.27
CA HIS B 41 -31.03 1.05 -8.88
C HIS B 41 -31.09 2.48 -8.38
N ARG B 42 -32.01 2.77 -7.48
CA ARG B 42 -32.25 4.18 -7.11
C ARG B 42 -31.17 4.80 -6.23
N GLU B 43 -30.36 3.97 -5.59
CA GLU B 43 -29.22 4.48 -4.84
C GLU B 43 -28.23 5.14 -5.74
N ILE B 44 -28.14 4.65 -6.97
CA ILE B 44 -27.04 5.02 -7.87
C ILE B 44 -27.46 5.52 -9.26
N GLU B 45 -28.71 5.22 -9.66
CA GLU B 45 -29.32 5.79 -10.87
C GLU B 45 -28.83 7.19 -11.18
N GLY B 46 -28.30 7.39 -12.39
CA GLY B 46 -27.85 8.72 -12.82
C GLY B 46 -26.49 9.15 -12.24
N ARG B 47 -25.91 8.35 -11.36
CA ARG B 47 -24.61 8.70 -10.81
C ARG B 47 -23.53 7.72 -11.27
N VAL B 48 -23.91 6.50 -11.61
CA VAL B 48 -22.98 5.53 -12.19
C VAL B 48 -23.18 5.42 -13.71
N MET B 49 -22.11 5.61 -14.45
CA MET B 49 -22.12 5.32 -15.87
C MET B 49 -21.48 3.97 -16.13
N VAL B 50 -22.22 3.06 -16.75
CA VAL B 50 -21.70 1.76 -17.18
C VAL B 50 -20.94 1.98 -18.50
N THR B 51 -19.66 1.65 -18.49
CA THR B 51 -18.81 1.94 -19.61
C THR B 51 -19.11 0.93 -20.72
N ASP B 52 -19.63 -0.22 -20.31
CA ASP B 52 -19.77 -1.44 -21.09
C ASP B 52 -18.43 -2.02 -21.55
N PHE B 53 -17.33 -1.56 -20.95
CA PHE B 53 -16.12 -2.34 -21.00
C PHE B 53 -16.39 -3.65 -20.27
N GLU B 54 -16.02 -4.75 -20.89
CA GLU B 54 -16.18 -6.06 -20.31
C GLU B 54 -15.06 -6.93 -20.74
N ASN B 55 -14.39 -7.54 -19.77
CA ASN B 55 -13.41 -8.57 -20.09
C ASN B 55 -13.43 -9.58 -18.96
N VAL B 56 -14.16 -10.66 -19.16
CA VAL B 56 -14.40 -11.61 -18.09
C VAL B 56 -14.20 -13.02 -18.62
N PRO B 57 -13.76 -13.93 -17.74
CA PRO B 57 -13.62 -15.32 -18.19
C PRO B 57 -15.02 -15.98 -18.22
N GLU B 58 -15.20 -17.08 -18.94
CA GLU B 58 -16.51 -17.75 -18.99
C GLU B 58 -16.87 -18.31 -17.62
N GLU B 59 -18.16 -18.39 -17.31
CA GLU B 59 -18.61 -18.95 -16.03
C GLU B 59 -18.23 -20.43 -15.97
N ASP B 60 -18.03 -20.97 -14.76
CA ASP B 60 -17.47 -22.33 -14.59
C ASP B 60 -17.53 -22.78 -13.13
N ALA B 68 -29.16 -12.58 -13.19
CA ALA B 68 -28.89 -11.18 -13.47
C ALA B 68 -28.87 -10.40 -12.17
N SER B 69 -29.85 -10.64 -11.31
CA SER B 69 -29.81 -10.24 -9.91
C SER B 69 -28.54 -10.76 -9.20
N LYS B 70 -28.20 -12.02 -9.43
CA LYS B 70 -26.99 -12.60 -8.87
C LYS B 70 -25.71 -12.07 -9.54
N CYS B 71 -25.72 -11.99 -10.87
CA CYS B 71 -24.58 -11.49 -11.65
C CYS B 71 -24.10 -10.14 -11.20
N ASP B 72 -25.00 -9.23 -10.85
CA ASP B 72 -24.60 -7.86 -10.53
C ASP B 72 -24.72 -7.50 -9.04
N SER B 73 -24.78 -8.53 -8.22
CA SER B 73 -24.95 -8.35 -6.83
C SER B 73 -23.75 -7.59 -6.22
N HIS B 74 -22.55 -8.09 -6.48
CA HIS B 74 -21.33 -7.52 -5.83
C HIS B 74 -21.08 -6.08 -6.26
N GLY B 75 -21.03 -5.86 -7.56
CA GLY B 75 -20.78 -4.54 -8.10
C GLY B 75 -21.82 -3.53 -7.70
N THR B 76 -23.08 -3.93 -7.78
CA THR B 76 -24.16 -3.00 -7.43
C THR B 76 -24.05 -2.55 -5.99
N HIS B 77 -23.76 -3.49 -5.10
CA HIS B 77 -23.63 -3.16 -3.68
C HIS B 77 -22.51 -2.16 -3.46
N LEU B 78 -21.37 -2.37 -4.11
CA LEU B 78 -20.20 -1.55 -3.90
C LEU B 78 -20.35 -0.15 -4.49
N ALA B 79 -20.97 -0.05 -5.66
CA ALA B 79 -21.34 1.28 -6.21
C ALA B 79 -22.20 2.06 -5.20
N GLY B 80 -23.07 1.33 -4.51
CA GLY B 80 -23.92 1.90 -3.50
C GLY B 80 -23.19 2.29 -2.25
N VAL B 81 -22.24 1.45 -1.79
CA VAL B 81 -21.37 1.85 -0.70
C VAL B 81 -20.56 3.12 -1.03
N VAL B 82 -20.06 3.20 -2.26
CA VAL B 82 -19.25 4.37 -2.62
C VAL B 82 -20.11 5.61 -2.77
N SER B 83 -21.19 5.51 -3.53
CA SER B 83 -21.90 6.70 -3.99
C SER B 83 -23.43 6.72 -3.76
N GLY B 84 -23.97 5.71 -3.09
CA GLY B 84 -25.39 5.58 -2.92
C GLY B 84 -26.07 6.78 -2.29
N ARG B 85 -27.19 7.15 -2.86
CA ARG B 85 -28.03 8.28 -2.42
C ARG B 85 -28.28 8.25 -0.93
N ASP B 86 -28.69 7.10 -0.42
CA ASP B 86 -29.09 6.98 0.96
C ASP B 86 -27.99 6.38 1.84
N ALA B 87 -27.30 5.38 1.35
CA ALA B 87 -26.38 4.60 2.19
C ALA B 87 -24.92 4.67 1.73
N GLY B 88 -24.59 5.64 0.88
CA GLY B 88 -23.24 5.76 0.34
C GLY B 88 -22.36 6.62 1.20
N VAL B 89 -21.05 6.54 0.97
CA VAL B 89 -20.09 7.34 1.68
C VAL B 89 -19.95 8.74 1.06
N ALA B 90 -19.80 8.76 -0.25
CA ALA B 90 -19.57 9.97 -1.00
C ALA B 90 -20.86 10.10 -1.78
N LYS B 91 -21.93 10.49 -1.10
CA LYS B 91 -23.25 10.40 -1.69
C LYS B 91 -23.36 11.10 -3.02
N GLY B 92 -22.75 12.26 -3.13
CA GLY B 92 -22.30 12.72 -4.44
C GLY B 92 -22.14 11.65 -5.51
N ALA B 93 -21.05 10.92 -5.44
CA ALA B 93 -19.99 11.08 -6.36
C ALA B 93 -20.36 10.41 -7.66
N SER B 94 -19.68 10.79 -8.71
CA SER B 94 -19.85 10.17 -10.01
C SER B 94 -19.00 8.93 -10.09
N MET B 95 -19.57 7.87 -10.66
CA MET B 95 -18.83 6.63 -10.87
C MET B 95 -18.92 6.18 -12.32
N ARG B 96 -17.90 5.44 -12.74
CA ARG B 96 -17.91 4.74 -14.01
C ARG B 96 -17.54 3.30 -13.74
N SER B 97 -18.25 2.37 -14.34
CA SER B 97 -18.03 0.95 -14.02
C SER B 97 -17.51 0.20 -15.22
N LEU B 98 -16.53 -0.68 -14.95
CA LEU B 98 -15.96 -1.61 -15.93
C LEU B 98 -16.23 -3.00 -15.38
N ARG B 99 -16.55 -3.92 -16.27
CA ARG B 99 -16.85 -5.26 -15.86
C ARG B 99 -15.63 -6.12 -16.10
N VAL B 100 -15.01 -6.53 -15.00
CA VAL B 100 -13.89 -7.45 -15.09
C VAL B 100 -14.12 -8.71 -14.29
N LEU B 101 -15.31 -8.82 -13.66
CA LEU B 101 -15.71 -10.00 -12.94
C LEU B 101 -16.97 -10.57 -13.54
N ASN B 102 -16.95 -11.87 -13.74
CA ASN B 102 -18.09 -12.61 -14.25
C ASN B 102 -19.18 -12.80 -13.19
N CYS B 103 -20.23 -13.52 -13.57
CA CYS B 103 -21.37 -13.69 -12.71
C CYS B 103 -21.04 -14.45 -11.47
N GLN B 104 -20.01 -15.06 -11.53
CA GLN B 104 -19.56 -15.79 -10.35
C GLN B 104 -18.54 -14.98 -9.54
N GLY B 105 -18.24 -13.83 -9.85
CA GLY B 105 -17.24 -12.99 -9.22
C GLY B 105 -15.80 -13.31 -9.57
N LYS B 106 -15.57 -13.95 -10.72
CA LYS B 106 -14.26 -14.33 -11.16
C LYS B 106 -13.81 -13.56 -12.38
N GLY B 107 -12.55 -13.11 -12.33
CA GLY B 107 -11.94 -12.38 -13.42
C GLY B 107 -10.55 -12.92 -13.71
N THR B 108 -9.84 -12.19 -14.56
CA THR B 108 -8.49 -12.55 -14.87
C THR B 108 -7.55 -11.37 -14.63
N VAL B 109 -6.27 -11.68 -14.42
CA VAL B 109 -5.28 -10.66 -14.35
C VAL B 109 -5.24 -9.89 -15.65
N SER B 110 -5.28 -10.58 -16.79
CA SER B 110 -5.26 -9.87 -18.06
C SER B 110 -6.48 -8.94 -18.25
N GLY B 111 -7.68 -9.41 -17.92
CA GLY B 111 -8.86 -8.57 -18.04
C GLY B 111 -8.74 -7.35 -17.15
N THR B 112 -8.16 -7.54 -15.97
CA THR B 112 -7.97 -6.43 -15.02
C THR B 112 -6.97 -5.41 -15.60
N LEU B 113 -5.86 -5.88 -16.16
CA LEU B 113 -4.86 -5.04 -16.84
C LEU B 113 -5.51 -4.25 -17.98
N ILE B 114 -6.30 -4.94 -18.80
CA ILE B 114 -6.98 -4.31 -19.93
C ILE B 114 -7.96 -3.23 -19.40
N GLY B 115 -8.60 -3.52 -18.27
CA GLY B 115 -9.48 -2.56 -17.61
C GLY B 115 -8.73 -1.34 -17.12
N LEU B 116 -7.62 -1.54 -16.39
CA LEU B 116 -6.79 -0.43 -15.92
C LEU B 116 -6.28 0.39 -17.07
N GLU B 117 -5.89 -0.27 -18.15
CA GLU B 117 -5.45 0.43 -19.32
C GLU B 117 -6.57 1.25 -19.94
N PHE B 118 -7.76 0.71 -19.98
CA PHE B 118 -8.93 1.43 -20.48
C PHE B 118 -9.19 2.71 -19.72
N ILE B 119 -9.07 2.65 -18.41
CA ILE B 119 -9.21 3.85 -17.58
C ILE B 119 -8.19 4.92 -17.97
N ARG B 120 -6.95 4.51 -18.15
CA ARG B 120 -5.89 5.43 -18.51
C ARG B 120 -6.12 6.06 -19.88
N LYS B 121 -6.53 5.25 -20.84
CA LYS B 121 -6.86 5.74 -22.18
C LYS B 121 -8.04 6.70 -22.15
N SER B 122 -9.07 6.36 -21.38
CA SER B 122 -10.21 7.26 -21.23
C SER B 122 -9.77 8.61 -20.69
N GLN B 123 -8.91 8.61 -19.69
CA GLN B 123 -8.43 9.83 -19.10
C GLN B 123 -7.68 10.70 -20.10
N LEU B 124 -6.80 10.07 -20.89
CA LEU B 124 -5.98 10.76 -21.91
C LEU B 124 -6.81 11.42 -22.99
N VAL B 125 -7.91 10.78 -23.34
CA VAL B 125 -8.78 11.24 -24.40
C VAL B 125 -9.72 12.34 -23.89
N GLN B 126 -10.16 12.21 -22.62
CA GLN B 126 -11.06 13.18 -22.03
C GLN B 126 -10.73 13.42 -20.56
N PRO B 127 -9.71 14.27 -20.31
CA PRO B 127 -9.18 14.53 -18.98
C PRO B 127 -10.24 15.14 -18.10
N VAL B 128 -10.31 14.69 -16.86
CA VAL B 128 -11.24 15.24 -15.90
C VAL B 128 -10.41 15.60 -14.69
N GLY B 129 -10.96 15.53 -13.48
CA GLY B 129 -10.21 15.87 -12.28
C GLY B 129 -9.60 14.61 -11.67
N PRO B 130 -9.41 14.63 -10.36
CA PRO B 130 -8.87 13.47 -9.65
C PRO B 130 -9.68 12.24 -9.95
N LEU B 131 -8.98 11.11 -10.09
CA LEU B 131 -9.61 9.84 -10.29
C LEU B 131 -9.23 8.89 -9.17
N VAL B 132 -10.24 8.18 -8.68
CA VAL B 132 -10.07 7.10 -7.73
C VAL B 132 -10.53 5.83 -8.41
N VAL B 133 -9.70 4.80 -8.33
CA VAL B 133 -10.03 3.53 -8.94
C VAL B 133 -10.14 2.52 -7.85
N LEU B 134 -11.32 1.91 -7.75
CA LEU B 134 -11.60 0.89 -6.77
C LEU B 134 -11.49 -0.46 -7.43
N LEU B 135 -10.65 -1.29 -6.83
CA LEU B 135 -10.37 -2.65 -7.26
C LEU B 135 -10.77 -3.58 -6.13
N PRO B 136 -12.06 -3.95 -6.10
CA PRO B 136 -12.64 -4.80 -5.03
C PRO B 136 -12.45 -6.29 -5.31
N LEU B 137 -11.21 -6.66 -5.55
CA LEU B 137 -10.82 -7.97 -6.07
C LEU B 137 -9.40 -8.32 -5.67
N ALA B 138 -9.06 -9.61 -5.72
CA ALA B 138 -7.71 -10.10 -5.37
C ALA B 138 -7.43 -11.43 -6.06
N GLY B 139 -6.16 -11.61 -6.38
CA GLY B 139 -5.63 -12.90 -6.77
C GLY B 139 -4.34 -13.03 -6.00
N GLY B 140 -3.54 -14.02 -6.33
CA GLY B 140 -2.25 -14.14 -5.73
C GLY B 140 -1.32 -13.03 -6.17
N TYR B 141 -0.13 -13.01 -5.59
CA TYR B 141 0.84 -11.99 -5.96
C TYR B 141 1.03 -12.01 -7.49
N SER B 142 0.92 -10.87 -8.12
CA SER B 142 1.15 -10.76 -9.57
C SER B 142 2.09 -9.60 -9.86
N ARG B 143 3.24 -9.90 -10.47
CA ARG B 143 4.18 -8.87 -10.80
C ARG B 143 3.51 -7.90 -11.75
N VAL B 144 2.86 -8.43 -12.80
CA VAL B 144 2.36 -7.54 -13.85
C VAL B 144 1.19 -6.70 -13.33
N LEU B 145 0.32 -7.28 -12.51
CA LEU B 145 -0.79 -6.50 -12.00
C LEU B 145 -0.25 -5.42 -11.06
N ASN B 146 0.67 -5.80 -10.17
CA ASN B 146 1.29 -4.80 -9.31
C ASN B 146 1.98 -3.72 -10.12
N ALA B 147 2.62 -4.08 -11.24
CA ALA B 147 3.34 -3.09 -12.03
C ALA B 147 2.38 -2.12 -12.71
N ALA B 148 1.25 -2.65 -13.16
CA ALA B 148 0.27 -1.85 -13.85
C ALA B 148 -0.35 -0.83 -12.89
N CYS B 149 -0.63 -1.30 -11.69
CA CYS B 149 -1.13 -0.44 -10.63
C CYS B 149 -0.14 0.69 -10.28
N GLN B 150 1.12 0.32 -10.12
CA GLN B 150 2.16 1.28 -9.82
C GLN B 150 2.24 2.31 -10.93
N ARG B 151 2.20 1.85 -12.19
CA ARG B 151 2.28 2.77 -13.30
C ARG B 151 1.07 3.70 -13.29
N LEU B 152 -0.09 3.17 -12.97
CA LEU B 152 -1.29 4.00 -12.99
C LEU B 152 -1.26 4.97 -11.83
N ALA B 153 -0.72 4.51 -10.70
CA ALA B 153 -0.53 5.40 -9.52
C ALA B 153 0.46 6.50 -9.88
N ARG B 154 1.55 6.14 -10.55
CA ARG B 154 2.58 7.14 -10.91
C ARG B 154 2.06 8.15 -11.92
N ALA B 155 1.07 7.73 -12.68
CA ALA B 155 0.41 8.57 -13.64
C ALA B 155 -0.57 9.53 -12.96
N GLY B 156 -0.70 9.44 -11.62
CA GLY B 156 -1.52 10.37 -10.83
C GLY B 156 -2.97 9.91 -10.55
N VAL B 157 -3.25 8.62 -10.65
CA VAL B 157 -4.59 8.11 -10.36
C VAL B 157 -4.50 7.44 -8.96
N VAL B 158 -5.51 7.62 -8.11
CA VAL B 158 -5.47 7.03 -6.79
C VAL B 158 -6.13 5.65 -6.91
N LEU B 159 -5.47 4.61 -6.40
CA LEU B 159 -6.01 3.26 -6.45
C LEU B 159 -6.26 2.74 -5.04
N VAL B 160 -7.44 2.16 -4.84
CA VAL B 160 -7.85 1.57 -3.56
C VAL B 160 -8.24 0.12 -3.87
N THR B 161 -7.72 -0.83 -3.11
CA THR B 161 -8.03 -2.21 -3.34
C THR B 161 -8.38 -2.88 -2.03
N ALA B 162 -9.04 -4.03 -2.18
CA ALA B 162 -9.37 -4.89 -1.07
C ALA B 162 -8.11 -5.60 -0.61
N ALA B 163 -7.93 -5.70 0.71
CA ALA B 163 -6.82 -6.51 1.27
C ALA B 163 -6.88 -7.98 0.88
N GLY B 164 -8.09 -8.52 0.66
CA GLY B 164 -8.32 -9.95 0.45
C GLY B 164 -9.03 -10.55 1.67
N ASN B 165 -9.80 -11.59 1.43
CA ASN B 165 -10.64 -12.23 2.44
C ASN B 165 -10.09 -13.60 2.89
N PHE B 166 -8.77 -13.73 2.92
CA PHE B 166 -8.11 -15.04 3.10
C PHE B 166 -7.49 -15.22 4.44
N ARG B 167 -7.77 -14.30 5.37
CA ARG B 167 -7.16 -14.30 6.69
C ARG B 167 -5.69 -14.61 6.60
N ASP B 168 -5.01 -13.84 5.77
CA ASP B 168 -3.64 -14.11 5.38
C ASP B 168 -2.92 -12.81 5.16
N ASP B 169 -1.64 -12.91 4.91
CA ASP B 169 -0.81 -11.77 4.73
C ASP B 169 -1.15 -11.16 3.38
N ALA B 170 -1.58 -9.92 3.39
CA ALA B 170 -1.98 -9.27 2.15
C ALA B 170 -0.85 -9.15 1.16
N CYS B 171 0.40 -9.22 1.61
CA CYS B 171 1.55 -9.16 0.68
C CYS B 171 1.65 -10.32 -0.29
N LEU B 172 0.88 -11.36 -0.03
CA LEU B 172 0.82 -12.54 -0.90
C LEU B 172 -0.24 -12.44 -1.96
N TYR B 173 -0.88 -11.26 -2.07
CA TYR B 173 -2.01 -11.07 -2.94
C TYR B 173 -1.83 -9.82 -3.74
N SER B 174 -2.47 -9.79 -4.89
CA SER B 174 -2.53 -8.58 -5.70
C SER B 174 -3.96 -8.24 -6.12
N PRO B 175 -4.26 -6.95 -6.31
CA PRO B 175 -3.39 -5.80 -6.14
C PRO B 175 -3.05 -5.39 -4.71
N ALA B 176 -3.54 -6.11 -3.69
CA ALA B 176 -3.29 -5.77 -2.28
C ALA B 176 -1.83 -5.41 -2.03
N SER B 177 -0.91 -6.20 -2.57
CA SER B 177 0.51 -6.05 -2.31
C SER B 177 1.23 -4.88 -3.02
N ALA B 178 0.58 -4.21 -3.94
CA ALA B 178 1.21 -3.10 -4.68
C ALA B 178 1.36 -1.87 -3.75
N PRO B 179 2.59 -1.37 -3.45
CA PRO B 179 2.71 -0.34 -2.40
C PRO B 179 1.99 0.99 -2.72
N GLU B 180 1.89 1.34 -4.00
CA GLU B 180 1.23 2.58 -4.39
C GLU B 180 -0.31 2.50 -4.33
N VAL B 181 -0.84 1.32 -4.10
CA VAL B 181 -2.31 1.12 -4.01
C VAL B 181 -2.67 1.18 -2.53
N ILE B 182 -3.76 1.86 -2.22
CA ILE B 182 -4.26 1.91 -0.85
C ILE B 182 -5.01 0.62 -0.58
N THR B 183 -4.45 -0.20 0.28
CA THR B 183 -5.00 -1.54 0.56
C THR B 183 -5.78 -1.56 1.85
N VAL B 184 -7.01 -2.06 1.79
CA VAL B 184 -7.95 -1.86 2.86
C VAL B 184 -8.47 -3.19 3.43
N GLY B 185 -8.25 -3.36 4.74
CA GLY B 185 -8.78 -4.54 5.43
C GLY B 185 -10.16 -4.22 6.00
N ALA B 186 -10.83 -5.21 6.56
CA ALA B 186 -12.24 -5.03 6.97
C ALA B 186 -12.33 -5.20 8.46
N THR B 187 -13.01 -4.26 9.12
CA THR B 187 -13.35 -4.37 10.54
C THR B 187 -14.90 -4.32 10.69
N ASN B 188 -15.35 -4.85 11.82
CA ASN B 188 -16.77 -4.92 12.11
C ASN B 188 -17.22 -3.81 13.05
N ALA B 189 -18.48 -3.85 13.46
CA ALA B 189 -19.06 -2.86 14.34
C ALA B 189 -18.36 -2.75 15.65
N GLN B 190 -17.65 -3.79 16.08
CA GLN B 190 -16.87 -3.71 17.30
C GLN B 190 -15.39 -3.33 17.05
N ASP B 191 -15.13 -2.82 15.84
CA ASP B 191 -13.81 -2.45 15.35
C ASP B 191 -12.83 -3.60 15.38
N GLN B 192 -13.34 -4.83 15.29
CA GLN B 192 -12.46 -5.99 15.25
C GLN B 192 -12.37 -6.55 13.81
N PRO B 193 -11.27 -7.23 13.49
CA PRO B 193 -11.16 -7.74 12.13
C PRO B 193 -12.28 -8.71 11.77
N VAL B 194 -12.77 -8.58 10.55
CA VAL B 194 -13.94 -9.34 10.11
C VAL B 194 -13.57 -10.82 9.83
N THR B 195 -14.33 -11.75 10.43
CA THR B 195 -14.30 -13.17 10.10
C THR B 195 -15.31 -13.41 8.98
N LEU B 196 -14.91 -14.17 7.98
CA LEU B 196 -15.71 -14.46 6.81
C LEU B 196 -15.62 -15.98 6.62
N GLY B 197 -16.60 -16.69 7.18
CA GLY B 197 -16.56 -18.15 7.28
C GLY B 197 -15.37 -18.61 8.11
N THR B 198 -14.54 -19.45 7.52
CA THR B 198 -13.35 -19.94 8.18
C THR B 198 -12.18 -19.02 7.90
N LEU B 199 -12.40 -18.00 7.08
CA LEU B 199 -11.32 -17.06 6.80
C LEU B 199 -11.72 -15.66 7.31
N GLY B 200 -11.41 -14.62 6.54
CA GLY B 200 -11.55 -13.27 7.07
C GLY B 200 -10.61 -12.28 6.41
N THR B 201 -10.65 -11.07 6.92
CA THR B 201 -9.80 -10.01 6.39
C THR B 201 -8.35 -10.43 6.42
N ASN B 202 -7.65 -10.12 5.34
CA ASN B 202 -6.21 -10.19 5.35
C ASN B 202 -5.62 -9.09 6.26
N PHE B 203 -4.32 -9.17 6.50
CA PHE B 203 -3.66 -8.28 7.43
C PHE B 203 -2.21 -8.15 6.99
N GLY B 204 -1.39 -7.55 7.84
CA GLY B 204 0.03 -7.43 7.56
C GLY B 204 0.45 -6.09 6.98
N ARG B 205 1.71 -5.99 6.57
CA ARG B 205 2.30 -4.69 6.31
C ARG B 205 1.87 -4.09 4.97
N CYS B 206 1.29 -4.88 4.07
CA CYS B 206 0.71 -4.33 2.83
C CYS B 206 -0.71 -3.75 3.03
N VAL B 207 -1.28 -3.89 4.23
CA VAL B 207 -2.57 -3.29 4.49
C VAL B 207 -2.27 -1.88 5.02
N ASP B 208 -2.90 -0.87 4.44
CA ASP B 208 -2.73 0.51 4.79
C ASP B 208 -3.60 0.91 5.99
N LEU B 209 -4.83 0.42 5.98
CA LEU B 209 -5.77 0.69 7.02
C LEU B 209 -6.93 -0.24 6.91
N PHE B 210 -7.77 -0.22 7.94
CA PHE B 210 -9.02 -0.96 7.91
C PHE B 210 -10.19 -0.01 7.75
N ALA B 211 -11.32 -0.55 7.36
CA ALA B 211 -12.53 0.20 7.24
C ALA B 211 -13.73 -0.75 7.44
N PRO B 212 -14.92 -0.19 7.74
CA PRO B 212 -16.11 -1.03 7.91
C PRO B 212 -16.33 -1.98 6.78
N GLY B 213 -16.38 -3.28 7.11
CA GLY B 213 -16.57 -4.33 6.10
C GLY B 213 -17.33 -5.56 6.58
N GLU B 214 -18.19 -5.37 7.59
CA GLU B 214 -19.14 -6.40 7.99
C GLU B 214 -20.53 -5.81 8.10
N ASP B 215 -21.53 -6.50 7.57
CA ASP B 215 -22.92 -6.05 7.74
C ASP B 215 -23.09 -4.63 7.21
N ILE B 216 -22.65 -4.46 5.96
CA ILE B 216 -22.63 -3.13 5.36
C ILE B 216 -23.84 -3.06 4.47
N ILE B 217 -24.77 -2.18 4.81
CA ILE B 217 -25.99 -2.15 4.00
C ILE B 217 -25.76 -1.32 2.74
N GLY B 218 -26.26 -1.81 1.63
CA GLY B 218 -26.18 -1.08 0.38
C GLY B 218 -27.10 -1.62 -0.69
N ALA B 219 -27.12 -0.97 -1.83
CA ALA B 219 -27.97 -1.39 -2.93
C ALA B 219 -27.94 -2.86 -3.21
N SER B 220 -29.13 -3.46 -3.36
CA SER B 220 -29.29 -4.85 -3.74
C SER B 220 -29.83 -4.91 -5.15
N SER B 221 -29.19 -5.67 -6.02
CA SER B 221 -29.64 -5.79 -7.38
C SER B 221 -30.86 -6.70 -7.50
N ASP B 222 -31.41 -7.15 -6.38
CA ASP B 222 -32.69 -7.85 -6.41
C ASP B 222 -33.78 -6.99 -6.98
N CYS B 223 -33.82 -5.73 -6.55
CA CYS B 223 -34.83 -4.83 -7.06
C CYS B 223 -34.32 -3.42 -6.89
N SER B 224 -34.87 -2.52 -7.67
CA SER B 224 -34.29 -1.20 -7.80
C SER B 224 -34.36 -0.36 -6.55
N THR B 225 -35.09 -0.81 -5.53
CA THR B 225 -35.14 -0.07 -4.28
C THR B 225 -34.76 -0.94 -3.09
N CYS B 226 -34.31 -2.16 -3.36
CA CYS B 226 -33.97 -3.10 -2.33
C CYS B 226 -32.55 -2.85 -1.79
N PHE B 227 -32.31 -3.33 -0.58
CA PHE B 227 -31.00 -3.22 0.07
C PHE B 227 -30.61 -4.57 0.62
N VAL B 228 -29.30 -4.78 0.76
CA VAL B 228 -28.75 -6.05 1.27
C VAL B 228 -27.50 -5.70 2.07
N SER B 229 -27.27 -6.40 3.17
CA SER B 229 -26.00 -6.28 3.91
C SER B 229 -25.01 -7.29 3.36
N GLN B 230 -23.78 -6.83 3.12
CA GLN B 230 -22.72 -7.66 2.63
C GLN B 230 -21.47 -7.40 3.49
N SER B 231 -20.57 -8.37 3.49
CA SER B 231 -19.35 -8.27 4.27
C SER B 231 -18.16 -8.57 3.38
N GLY B 232 -17.03 -7.93 3.63
CA GLY B 232 -15.82 -8.28 2.85
C GLY B 232 -14.87 -7.13 2.81
N THR B 233 -13.63 -7.44 2.46
CA THR B 233 -12.68 -6.37 2.32
C THR B 233 -13.03 -5.50 1.07
N SER B 234 -13.79 -6.02 0.08
CA SER B 234 -14.28 -5.13 -1.02
C SER B 234 -15.13 -3.96 -0.45
N GLN B 235 -16.02 -4.32 0.49
CA GLN B 235 -16.89 -3.32 1.14
C GLN B 235 -16.05 -2.31 1.90
N ALA B 236 -15.06 -2.82 2.63
CA ALA B 236 -14.11 -1.97 3.32
C ALA B 236 -13.42 -1.02 2.36
N ALA B 237 -12.93 -1.58 1.26
CA ALA B 237 -12.22 -0.79 0.27
C ALA B 237 -13.14 0.30 -0.31
N ALA B 238 -14.41 0.00 -0.47
CA ALA B 238 -15.41 0.97 -1.01
C ALA B 238 -15.55 2.14 -0.08
N HIS B 239 -15.49 1.91 1.23
CA HIS B 239 -15.52 3.02 2.19
C HIS B 239 -14.36 3.96 1.99
N VAL B 240 -13.19 3.37 1.77
CA VAL B 240 -11.97 4.17 1.64
C VAL B 240 -12.00 4.86 0.27
N ALA B 241 -12.51 4.20 -0.76
CA ALA B 241 -12.70 4.89 -2.05
C ALA B 241 -13.60 6.11 -1.89
N GLY B 242 -14.73 5.94 -1.18
CA GLY B 242 -15.61 7.06 -0.83
C GLY B 242 -14.95 8.17 -0.05
N ILE B 243 -14.21 7.82 1.00
CA ILE B 243 -13.47 8.79 1.82
C ILE B 243 -12.43 9.52 0.99
N ALA B 244 -11.74 8.80 0.09
CA ALA B 244 -10.72 9.41 -0.77
C ALA B 244 -11.37 10.40 -1.70
N ALA B 245 -12.51 10.03 -2.25
CA ALA B 245 -13.25 10.88 -3.17
C ALA B 245 -13.66 12.17 -2.46
N MET B 246 -14.08 12.04 -1.21
CA MET B 246 -14.45 13.20 -0.42
C MET B 246 -13.25 14.08 -0.09
N MET B 247 -12.16 13.45 0.29
CA MET B 247 -10.97 14.17 0.63
C MET B 247 -10.40 14.92 -0.55
N LEU B 248 -10.45 14.28 -1.72
CA LEU B 248 -9.93 14.84 -2.95
C LEU B 248 -10.86 15.93 -3.53
N SER B 249 -12.15 15.85 -3.24
CA SER B 249 -13.07 16.93 -3.62
C SER B 249 -12.76 18.17 -2.82
N ALA B 250 -12.38 17.98 -1.57
CA ALA B 250 -12.06 19.06 -0.66
C ALA B 250 -10.67 19.64 -0.93
N GLU B 251 -9.72 18.78 -1.26
CA GLU B 251 -8.33 19.17 -1.47
C GLU B 251 -7.84 18.46 -2.75
N PRO B 252 -8.27 18.97 -3.90
CA PRO B 252 -8.02 18.27 -5.15
C PRO B 252 -6.56 18.09 -5.54
N GLU B 253 -5.68 18.94 -5.00
CA GLU B 253 -4.27 18.91 -5.35
C GLU B 253 -3.48 17.88 -4.55
N LEU B 254 -4.12 17.13 -3.66
CA LEU B 254 -3.40 16.14 -2.84
C LEU B 254 -2.61 15.20 -3.72
N THR B 255 -1.34 15.02 -3.39
CA THR B 255 -0.55 13.94 -3.95
C THR B 255 -1.01 12.65 -3.30
N LEU B 256 -0.73 11.50 -3.91
CA LEU B 256 -1.03 10.21 -3.27
C LEU B 256 -0.46 10.15 -1.84
N ALA B 257 0.74 10.69 -1.64
CA ALA B 257 1.40 10.58 -0.35
C ALA B 257 0.67 11.46 0.69
N GLU B 258 0.20 12.62 0.24
CA GLU B 258 -0.58 13.50 1.10
C GLU B 258 -1.93 12.89 1.44
N LEU B 259 -2.51 12.20 0.48
CA LEU B 259 -3.79 11.57 0.70
C LEU B 259 -3.63 10.40 1.64
N ARG B 260 -2.58 9.62 1.45
CA ARG B 260 -2.34 8.48 2.31
C ARG B 260 -2.08 8.93 3.75
N GLN B 261 -1.32 10.01 3.92
CA GLN B 261 -0.99 10.50 5.27
C GLN B 261 -2.25 11.03 5.98
N ARG B 262 -3.15 11.64 5.23
CA ARG B 262 -4.44 12.08 5.75
C ARG B 262 -5.34 10.90 6.12
N LEU B 263 -5.39 9.88 5.27
CA LEU B 263 -6.17 8.70 5.58
C LEU B 263 -5.70 8.08 6.89
N ILE B 264 -4.39 8.04 7.09
CA ILE B 264 -3.80 7.48 8.31
C ILE B 264 -4.12 8.44 9.47
N HIS B 265 -3.90 9.73 9.24
CA HIS B 265 -4.01 10.69 10.34
C HIS B 265 -5.43 10.79 10.89
N PHE B 266 -6.41 10.80 10.01
CA PHE B 266 -7.82 10.89 10.41
C PHE B 266 -8.45 9.56 10.79
N SER B 267 -7.69 8.47 10.77
CA SER B 267 -8.22 7.18 11.19
C SER B 267 -8.36 7.12 12.69
N ALA B 268 -9.28 6.29 13.15
CA ALA B 268 -9.36 5.85 14.57
C ALA B 268 -8.18 4.95 14.84
N LYS B 269 -7.47 5.18 15.93
CA LYS B 269 -6.23 4.47 16.19
C LYS B 269 -6.34 3.55 17.37
N ASP B 270 -5.66 2.42 17.29
CA ASP B 270 -5.52 1.48 18.38
C ASP B 270 -6.82 0.95 18.93
N VAL B 271 -7.77 0.71 18.05
CA VAL B 271 -9.09 0.20 18.40
C VAL B 271 -9.26 -1.29 18.01
N ILE B 272 -8.39 -1.81 17.17
CA ILE B 272 -8.45 -3.25 16.83
C ILE B 272 -7.71 -4.06 17.90
N ASN B 273 -8.29 -5.15 18.41
CA ASN B 273 -7.55 -6.09 19.28
C ASN B 273 -6.66 -6.92 18.38
N GLU B 274 -5.35 -6.75 18.50
CA GLU B 274 -4.49 -7.35 17.49
C GLU B 274 -4.26 -8.85 17.73
N ALA B 275 -4.77 -9.38 18.86
CA ALA B 275 -4.79 -10.84 19.16
C ALA B 275 -5.44 -11.68 18.06
N TRP B 276 -6.33 -11.08 17.30
CA TRP B 276 -6.97 -11.78 16.22
C TRP B 276 -5.98 -12.19 15.11
N PHE B 277 -4.91 -11.39 14.97
CA PHE B 277 -3.90 -11.58 13.93
C PHE B 277 -2.83 -12.54 14.42
N PRO B 278 -2.20 -13.29 13.49
CA PRO B 278 -1.06 -14.10 13.88
C PRO B 278 -0.02 -13.23 14.57
N GLU B 279 0.72 -13.84 15.47
CA GLU B 279 1.61 -13.09 16.34
C GLU B 279 2.58 -12.22 15.59
N ASP B 280 3.19 -12.74 14.53
CA ASP B 280 4.22 -11.98 13.84
C ASP B 280 3.64 -10.84 13.01
N GLN B 281 2.31 -10.86 12.78
CA GLN B 281 1.67 -9.84 11.93
C GLN B 281 1.15 -8.68 12.71
N ARG B 282 1.10 -8.83 14.02
CA ARG B 282 0.57 -7.79 14.87
C ARG B 282 1.35 -6.48 14.71
N VAL B 283 2.66 -6.54 14.87
CA VAL B 283 3.52 -5.38 14.67
C VAL B 283 3.48 -4.80 13.23
N LEU B 284 3.26 -5.64 12.25
CA LEU B 284 3.25 -5.19 10.88
C LEU B 284 1.91 -4.58 10.44
N THR B 285 0.85 -4.88 11.19
CA THR B 285 -0.51 -4.55 10.75
C THR B 285 -0.96 -3.19 11.32
N PRO B 286 -1.37 -2.24 10.48
CA PRO B 286 -1.71 -0.93 11.03
C PRO B 286 -2.99 -1.01 11.86
N ASN B 287 -2.98 -0.42 13.03
CA ASN B 287 -4.16 -0.47 13.87
C ASN B 287 -4.88 0.83 13.65
N LEU B 288 -5.61 0.87 12.53
CA LEU B 288 -6.28 2.03 12.01
C LEU B 288 -7.61 1.65 11.39
N VAL B 289 -8.65 2.42 11.72
CA VAL B 289 -9.96 2.27 11.12
C VAL B 289 -10.30 3.62 10.52
N ALA B 290 -10.52 3.60 9.21
CA ALA B 290 -10.73 4.81 8.40
C ALA B 290 -11.86 5.70 8.91
N ALA B 291 -11.71 7.01 8.73
CA ALA B 291 -12.74 7.97 9.00
C ALA B 291 -12.55 9.16 8.10
N LEU B 292 -13.65 9.84 7.84
CA LEU B 292 -13.66 11.12 7.17
C LEU B 292 -12.97 12.18 7.99
N PRO B 293 -12.33 13.16 7.31
CA PRO B 293 -11.68 14.24 8.05
C PRO B 293 -12.75 15.09 8.80
N PRO B 294 -12.41 15.59 10.00
CA PRO B 294 -13.39 16.47 10.62
C PRO B 294 -13.49 17.78 9.87
N SER B 295 -14.59 18.48 10.07
CA SER B 295 -14.74 19.87 9.61
C SER B 295 -13.74 20.82 10.28
N THR B 296 -13.28 20.47 11.50
CA THR B 296 -12.25 21.26 12.21
C THR B 296 -10.93 21.41 11.41
N HIS B 297 -10.67 20.51 10.45
CA HIS B 297 -9.64 20.69 9.40
C HIS B 297 -9.71 19.62 8.31
N GLY B 300 -4.36 25.59 9.39
CA GLY B 300 -2.97 25.72 8.96
C GLY B 300 -2.20 24.41 8.95
N TRP B 301 -0.89 24.52 8.73
CA TRP B 301 -0.02 23.37 8.49
C TRP B 301 0.28 22.48 9.71
N GLN B 302 0.38 21.17 9.44
CA GLN B 302 0.60 20.16 10.47
C GLN B 302 1.62 19.15 9.99
N LEU B 303 2.39 18.59 10.91
CA LEU B 303 3.40 17.61 10.57
C LEU B 303 2.82 16.20 10.54
N PHE B 304 2.74 15.61 9.35
CA PHE B 304 2.20 14.25 9.16
C PHE B 304 3.36 13.32 8.93
N CYS B 305 3.41 12.21 9.66
CA CYS B 305 4.44 11.17 9.49
C CYS B 305 3.76 9.84 9.48
N ARG B 306 4.39 8.88 8.79
CA ARG B 306 3.90 7.51 8.72
C ARG B 306 5.09 6.57 8.79
N THR B 307 4.80 5.36 9.30
CA THR B 307 5.80 4.33 9.49
C THR B 307 5.67 3.35 8.30
N VAL B 308 6.80 3.13 7.62
CA VAL B 308 6.82 2.31 6.40
C VAL B 308 7.73 1.14 6.74
N TRP B 309 7.15 -0.05 6.86
CA TRP B 309 7.93 -1.25 7.08
C TRP B 309 8.35 -1.79 5.72
N SER B 310 9.61 -2.21 5.59
CA SER B 310 10.07 -2.89 4.35
C SER B 310 9.57 -4.30 4.31
N ALA B 311 9.67 -4.89 3.13
CA ALA B 311 9.77 -6.33 3.04
C ALA B 311 10.92 -6.81 3.92
N HIS B 312 10.71 -7.97 4.50
CA HIS B 312 11.69 -8.66 5.28
C HIS B 312 12.88 -8.96 4.34
N SER B 313 14.10 -8.71 4.80
CA SER B 313 15.31 -8.89 3.97
C SER B 313 15.63 -10.33 3.55
N GLY B 314 15.08 -11.31 4.26
CA GLY B 314 15.47 -12.71 4.07
C GLY B 314 16.78 -12.98 4.77
N PRO B 315 17.19 -14.27 4.82
CA PRO B 315 18.29 -14.68 5.68
C PRO B 315 19.70 -14.51 5.11
N THR B 316 19.87 -14.04 3.89
CA THR B 316 21.23 -13.94 3.39
C THR B 316 22.11 -13.08 4.30
N ARG B 317 23.36 -13.51 4.47
CA ARG B 317 24.26 -12.94 5.46
C ARG B 317 24.42 -11.43 5.28
N MET B 318 24.52 -11.01 4.02
CA MET B 318 24.65 -9.61 3.64
C MET B 318 23.31 -9.01 3.21
N ALA B 319 22.21 -9.60 3.71
CA ALA B 319 20.88 -9.18 3.27
C ALA B 319 20.65 -7.80 3.83
N THR B 320 20.02 -6.94 3.02
CA THR B 320 19.54 -5.67 3.47
C THR B 320 18.05 -5.48 3.11
N ALA B 321 17.31 -4.84 4.02
CA ALA B 321 15.91 -4.45 3.77
C ALA B 321 15.92 -2.95 3.53
N ILE B 322 15.10 -2.48 2.60
CA ILE B 322 15.02 -1.06 2.29
C ILE B 322 13.59 -0.57 2.46
N ALA B 323 13.41 0.45 3.30
CA ALA B 323 12.13 1.13 3.43
C ALA B 323 12.31 2.49 2.83
N ARG B 324 11.46 2.80 1.86
CA ARG B 324 11.48 4.07 1.17
C ARG B 324 10.24 4.94 1.44
N CYS B 325 10.43 6.24 1.25
CA CYS B 325 9.35 7.19 1.33
C CYS B 325 8.90 7.56 -0.06
N ALA B 326 7.79 8.26 -0.13
CA ALA B 326 7.27 8.75 -1.38
C ALA B 326 8.18 9.89 -1.82
N PRO B 327 8.13 10.23 -3.12
CA PRO B 327 8.99 11.29 -3.65
C PRO B 327 8.83 12.60 -2.90
N ASP B 328 7.60 12.92 -2.48
CA ASP B 328 7.34 14.19 -1.79
C ASP B 328 7.46 14.16 -0.28
N GLU B 329 7.92 13.04 0.27
CA GLU B 329 8.14 12.90 1.70
C GLU B 329 9.62 12.95 2.06
N GLU B 330 9.91 13.29 3.32
CA GLU B 330 11.24 13.21 3.85
C GLU B 330 11.31 12.01 4.79
N LEU B 331 12.39 11.27 4.67
CA LEU B 331 12.74 10.26 5.66
C LEU B 331 13.29 10.94 6.90
N LEU B 332 12.53 11.03 8.00
CA LEU B 332 13.06 11.65 9.21
C LEU B 332 13.75 10.74 10.19
N SER B 333 13.51 9.45 10.10
CA SER B 333 14.25 8.49 10.87
C SER B 333 14.17 7.10 10.27
N CYS B 334 14.93 6.18 10.85
CA CYS B 334 15.08 4.85 10.31
C CYS B 334 15.40 3.95 11.47
N SER B 335 14.60 2.89 11.64
CA SER B 335 14.83 1.90 12.65
C SER B 335 14.75 0.54 11.97
N SER B 336 14.89 -0.50 12.77
CA SER B 336 14.89 -1.87 12.26
C SER B 336 14.43 -2.79 13.36
N PHE B 337 14.14 -4.03 12.98
CA PHE B 337 13.55 -4.99 13.88
C PHE B 337 13.82 -6.35 13.31
N SER B 338 14.23 -7.25 14.18
CA SER B 338 14.16 -8.69 13.92
C SER B 338 13.58 -9.41 15.11
N ARG B 339 12.82 -10.46 14.83
CA ARG B 339 12.17 -11.22 15.90
C ARG B 339 13.19 -11.98 16.71
N SER B 340 14.31 -12.37 16.09
CA SER B 340 15.44 -13.00 16.80
C SER B 340 16.34 -12.00 17.55
N GLY B 341 16.39 -10.77 17.04
CA GLY B 341 17.33 -9.79 17.56
C GLY B 341 18.68 -9.91 16.88
N LYS B 342 18.79 -10.77 15.86
CA LYS B 342 20.03 -10.96 15.12
C LYS B 342 20.12 -10.02 13.93
N ARG B 343 20.82 -8.91 14.17
CA ARG B 343 20.58 -7.65 13.55
C ARG B 343 21.93 -6.92 13.48
N ARG B 344 22.24 -6.27 12.36
CA ARG B 344 23.38 -5.34 12.29
C ARG B 344 22.93 -3.86 12.20
N GLY B 345 21.69 -3.60 12.65
CA GLY B 345 21.10 -2.28 12.70
C GLY B 345 20.69 -1.74 11.35
N GLU B 346 20.73 -0.42 11.23
CA GLU B 346 20.21 0.23 10.05
C GLU B 346 20.93 1.54 9.81
N ARG B 347 20.79 2.06 8.61
CA ARG B 347 21.40 3.33 8.28
C ARG B 347 20.51 4.02 7.28
N MET B 348 20.57 5.35 7.29
CA MET B 348 19.90 6.17 6.29
C MET B 348 20.95 6.44 5.25
N GLU B 349 20.69 6.02 4.02
CA GLU B 349 21.65 6.15 2.93
C GLU B 349 20.93 6.82 1.78
N ALA B 350 21.63 7.68 1.03
CA ALA B 350 21.05 8.34 -0.14
C ALA B 350 21.05 7.41 -1.35
N GLN B 351 20.12 7.66 -2.28
CA GLN B 351 19.83 6.71 -3.34
C GLN B 351 18.92 7.35 -4.38
N GLY B 352 19.44 7.54 -5.60
CA GLY B 352 18.72 8.33 -6.59
C GLY B 352 18.42 9.72 -6.05
N GLY B 353 19.36 10.28 -5.29
CA GLY B 353 19.23 11.64 -4.73
C GLY B 353 18.20 11.77 -3.62
N LYS B 354 17.84 10.65 -3.01
CA LYS B 354 16.81 10.62 -1.99
C LYS B 354 17.19 9.61 -0.91
N LEU B 355 16.94 9.96 0.34
CA LEU B 355 17.36 9.10 1.45
C LEU B 355 16.35 7.96 1.68
N VAL B 356 16.92 6.77 1.86
CA VAL B 356 16.18 5.57 2.14
C VAL B 356 16.71 5.00 3.46
N CYS B 357 15.91 4.13 4.06
CA CYS B 357 16.24 3.47 5.31
C CYS B 357 16.67 2.06 4.92
N ARG B 358 17.92 1.72 5.22
CA ARG B 358 18.44 0.40 4.92
C ARG B 358 18.82 -0.32 6.19
N ALA B 359 18.35 -1.57 6.32
CA ALA B 359 18.66 -2.36 7.51
C ALA B 359 19.44 -3.55 7.08
N HIS B 360 20.27 -4.01 7.99
CA HIS B 360 21.26 -5.04 7.72
C HIS B 360 21.03 -6.25 8.60
N ASN B 361 21.03 -7.42 7.99
CA ASN B 361 20.87 -8.67 8.71
C ASN B 361 22.19 -9.04 9.36
N ALA B 362 22.11 -9.78 10.45
CA ALA B 362 23.28 -10.34 11.11
C ALA B 362 23.58 -11.72 10.55
N PHE B 363 24.82 -12.16 10.74
CA PHE B 363 25.26 -13.52 10.42
C PHE B 363 24.43 -14.50 11.23
N GLY B 364 23.72 -15.38 10.53
CA GLY B 364 22.84 -16.33 11.18
C GLY B 364 21.48 -15.75 11.53
N GLY B 365 21.23 -14.49 11.17
CA GLY B 365 19.91 -13.91 11.36
C GLY B 365 18.98 -14.44 10.30
N GLU B 366 17.71 -14.60 10.65
CA GLU B 366 16.66 -14.96 9.70
C GLU B 366 16.31 -13.81 8.75
N GLY B 367 16.76 -12.60 9.08
CA GLY B 367 16.45 -11.42 8.28
C GLY B 367 15.92 -10.33 9.19
N VAL B 368 15.78 -9.15 8.61
CA VAL B 368 15.38 -7.99 9.36
C VAL B 368 14.44 -7.13 8.52
N TYR B 369 13.74 -6.24 9.24
CA TYR B 369 12.93 -5.22 8.63
C TYR B 369 13.59 -3.86 8.83
N ALA B 370 13.51 -3.04 7.79
CA ALA B 370 13.85 -1.63 7.83
C ALA B 370 12.53 -0.89 8.02
N ILE B 371 12.54 0.13 8.86
CA ILE B 371 11.33 0.80 9.30
C ILE B 371 11.58 2.28 9.19
N ALA B 372 11.09 2.87 8.11
CA ALA B 372 11.20 4.30 7.88
C ALA B 372 10.07 5.11 8.52
N ARG B 373 10.42 6.29 8.95
CA ARG B 373 9.49 7.31 9.29
C ARG B 373 9.49 8.39 8.23
N CYS B 374 8.40 8.44 7.47
CA CYS B 374 8.32 9.24 6.27
C CYS B 374 7.33 10.34 6.55
N CYS B 375 7.72 11.58 6.30
CA CYS B 375 6.93 12.72 6.80
C CYS B 375 6.76 13.74 5.72
N LEU B 376 5.68 14.49 5.79
CA LEU B 376 5.44 15.53 4.82
C LEU B 376 5.94 16.84 5.46
N LEU B 377 7.07 17.32 4.96
CA LEU B 377 7.80 18.44 5.55
C LEU B 377 8.28 19.27 4.37
N PRO B 378 7.44 20.21 3.91
CA PRO B 378 7.88 21.13 2.87
C PRO B 378 8.80 22.22 3.44
N GLN B 379 9.72 22.66 2.60
CA GLN B 379 10.71 23.68 2.96
C GLN B 379 11.81 23.13 3.86
N ALA B 380 11.77 21.82 4.12
CA ALA B 380 12.81 21.17 4.90
C ALA B 380 14.02 20.91 4.01
N ASN B 381 15.19 21.14 4.56
CA ASN B 381 16.44 20.70 3.99
C ASN B 381 17.03 19.71 4.99
N CYS B 382 16.96 18.42 4.67
CA CYS B 382 17.40 17.37 5.60
C CYS B 382 18.62 16.66 5.07
N SER B 383 19.49 16.27 5.98
CA SER B 383 20.71 15.59 5.61
C SER B 383 20.96 14.50 6.62
N VAL B 384 21.98 13.70 6.37
CA VAL B 384 22.43 12.70 7.36
C VAL B 384 23.87 12.98 7.75
N HIS B 385 24.15 12.87 9.04
CA HIS B 385 25.50 13.05 9.55
C HIS B 385 25.85 11.71 10.14
N THR B 386 26.96 11.14 9.69
CA THR B 386 27.40 9.82 10.06
C THR B 386 28.78 9.87 10.71
N ALA B 387 28.95 9.02 11.72
CA ALA B 387 30.25 8.76 12.28
C ALA B 387 30.45 7.25 12.39
N PRO B 388 31.66 6.79 12.03
CA PRO B 388 32.05 5.39 12.14
C PRO B 388 32.33 5.02 13.59
N PRO B 389 32.54 3.72 13.85
CA PRO B 389 32.72 3.31 15.22
C PRO B 389 33.87 4.07 15.90
N ALA B 390 33.62 4.60 17.09
CA ALA B 390 34.65 5.34 17.82
C ALA B 390 35.68 4.36 18.32
N GLU B 391 35.16 3.22 18.78
CA GLU B 391 35.92 2.08 19.28
C GLU B 391 36.41 2.29 20.71
N ALA B 392 35.93 3.33 21.37
CA ALA B 392 36.43 3.69 22.68
C ALA B 392 35.49 4.58 23.50
N SER B 393 35.18 4.11 24.71
CA SER B 393 34.80 4.95 25.86
C SER B 393 33.38 5.51 25.83
N MET B 394 33.21 6.69 25.23
CA MET B 394 31.94 7.44 25.31
C MET B 394 30.90 6.96 24.28
N GLY B 395 31.16 5.85 23.60
CA GLY B 395 30.29 5.41 22.51
C GLY B 395 30.58 6.21 21.27
N THR B 396 29.84 5.93 20.19
CA THR B 396 30.01 6.62 18.92
C THR B 396 28.95 7.72 18.91
N ARG B 397 29.33 8.91 18.49
CA ARG B 397 28.45 10.06 18.65
C ARG B 397 28.55 10.91 17.40
N VAL B 398 27.44 11.55 17.06
CA VAL B 398 27.41 12.49 15.94
C VAL B 398 26.30 13.47 16.24
N HIS B 399 26.46 14.71 15.84
CA HIS B 399 25.43 15.68 16.12
C HIS B 399 25.17 16.58 14.93
N CYS B 400 23.99 17.20 14.94
CA CYS B 400 23.61 18.19 13.93
C CYS B 400 24.26 19.51 14.35
N HIS B 401 25.41 19.78 13.76
CA HIS B 401 26.28 20.88 14.22
C HIS B 401 25.87 22.26 13.71
N GLN B 402 25.23 22.33 12.54
CA GLN B 402 24.80 23.60 11.99
C GLN B 402 23.80 24.34 12.87
N GLN B 403 23.97 25.66 12.98
CA GLN B 403 22.98 26.51 13.67
C GLN B 403 21.57 26.34 13.10
N GLY B 404 20.61 26.19 14.01
CA GLY B 404 19.22 26.03 13.62
C GLY B 404 18.75 24.69 13.03
N HIS B 405 19.62 23.71 12.79
CA HIS B 405 19.20 22.37 12.33
CA HIS B 405 19.01 22.47 12.33
C HIS B 405 18.67 21.55 13.51
N VAL B 406 17.62 20.75 13.30
CA VAL B 406 17.03 19.92 14.34
C VAL B 406 17.32 18.47 14.03
N LEU B 407 17.61 17.71 15.07
CA LEU B 407 17.75 16.26 14.95
C LEU B 407 16.34 15.64 14.99
N THR B 408 16.05 14.85 13.98
CA THR B 408 14.74 14.21 13.86
C THR B 408 14.79 12.69 14.04
N GLY B 409 15.99 12.11 14.04
CA GLY B 409 16.15 10.67 14.00
C GLY B 409 17.58 10.27 14.19
N CYS B 410 17.78 9.23 15.00
CA CYS B 410 19.06 8.53 15.13
C CYS B 410 18.97 7.08 14.63
N SER B 411 19.99 6.65 13.87
CA SER B 411 20.17 5.25 13.48
C SER B 411 21.60 4.81 13.80
N SER B 412 21.81 3.50 13.83
CA SER B 412 23.13 2.94 14.12
C SER B 412 23.20 1.60 13.40
N HIS B 413 24.29 1.35 12.72
CA HIS B 413 24.56 -0.01 12.25
C HIS B 413 25.97 -0.43 12.66
N TRP B 414 26.21 -1.73 12.71
CA TRP B 414 27.52 -2.24 13.03
C TRP B 414 27.93 -3.34 12.03
N GLU B 415 29.22 -3.60 11.94
CA GLU B 415 29.72 -4.64 11.04
C GLU B 415 30.29 -5.81 11.82
N VAL B 416 30.34 -5.69 13.14
CA VAL B 416 30.86 -6.73 14.02
C VAL B 416 29.80 -7.79 14.25
N GLU B 417 30.27 -8.99 14.56
CA GLU B 417 29.39 -10.13 14.84
C GLU B 417 28.64 -9.91 16.14
N ASP B 418 29.28 -9.29 17.12
CA ASP B 418 28.59 -8.90 18.36
C ASP B 418 29.35 -7.81 19.14
N LEU B 419 28.68 -7.23 20.14
CA LEU B 419 29.29 -6.17 20.97
C LEU B 419 30.46 -6.68 21.82
N GLN B 432 22.08 15.64 25.26
CA GLN B 432 22.84 16.73 24.65
C GLN B 432 22.29 17.04 23.25
N PRO B 433 21.61 18.19 23.11
CA PRO B 433 20.87 18.59 21.91
C PRO B 433 21.47 18.22 20.55
N ASN B 434 20.64 17.58 19.75
CA ASN B 434 20.95 17.28 18.38
C ASN B 434 22.07 16.26 18.22
N GLN B 435 22.27 15.45 19.27
CA GLN B 435 23.29 14.42 19.27
C GLN B 435 22.68 13.03 19.35
N CYS B 436 23.22 12.13 18.52
CA CYS B 436 22.92 10.71 18.59
C CYS B 436 24.11 10.01 19.20
N VAL B 437 23.85 8.98 20.00
CA VAL B 437 24.90 8.19 20.61
C VAL B 437 24.66 6.71 20.34
N GLY B 438 25.68 6.03 19.83
CA GLY B 438 25.61 4.62 19.61
C GLY B 438 26.65 3.87 20.41
N HIS B 439 26.63 2.55 20.24
CA HIS B 439 27.65 1.66 20.77
C HIS B 439 28.99 2.00 20.13
N ARG B 440 30.08 1.78 20.89
CA ARG B 440 31.43 2.18 20.47
C ARG B 440 31.91 1.45 19.24
N GLU B 441 31.34 0.28 18.99
CA GLU B 441 31.69 -0.54 17.85
C GLU B 441 30.74 -0.35 16.70
N ALA B 442 29.80 0.59 16.85
CA ALA B 442 28.75 0.84 15.85
C ALA B 442 28.94 2.20 15.22
N SER B 443 28.50 2.33 13.97
CA SER B 443 28.38 3.63 13.32
C SER B 443 27.07 4.29 13.77
N ILE B 444 27.04 5.61 13.76
CA ILE B 444 25.91 6.34 14.26
C ILE B 444 25.53 7.32 13.17
N HIS B 445 24.22 7.46 12.96
CA HIS B 445 23.70 8.29 11.88
C HIS B 445 22.62 9.19 12.43
N ALA B 446 22.71 10.49 12.15
CA ALA B 446 21.73 11.47 12.63
C ALA B 446 21.03 12.06 11.41
N SER B 447 19.72 12.14 11.45
CA SER B 447 18.97 12.89 10.46
C SER B 447 18.82 14.28 11.00
N CYS B 448 19.36 15.24 10.26
CA CYS B 448 19.41 16.64 10.66
C CYS B 448 18.67 17.43 9.60
N CYS B 449 17.67 18.21 10.00
CA CYS B 449 16.90 19.02 9.06
C CYS B 449 16.90 20.48 9.41
N HIS B 450 17.05 21.33 8.41
CA HIS B 450 16.72 22.73 8.61
C HIS B 450 15.26 22.86 8.24
N ALA B 451 14.45 23.08 9.26
CA ALA B 451 13.01 23.13 9.13
C ALA B 451 12.59 24.21 10.13
N PRO B 452 12.62 25.47 9.69
CA PRO B 452 12.59 26.57 10.66
C PRO B 452 11.23 26.66 11.36
N GLY B 453 10.16 26.23 10.70
CA GLY B 453 8.87 26.12 11.37
C GLY B 453 8.72 24.95 12.34
N LEU B 454 9.81 24.24 12.65
CA LEU B 454 9.71 22.97 13.34
C LEU B 454 10.32 23.08 14.71
N GLU B 455 9.57 22.68 15.74
CA GLU B 455 10.10 22.48 17.08
C GLU B 455 10.13 20.98 17.37
N CYS B 456 11.21 20.49 17.96
CA CYS B 456 11.32 19.09 18.40
C CYS B 456 11.78 18.98 19.84
N LYS B 457 11.29 17.98 20.54
CA LYS B 457 11.78 17.66 21.86
C LYS B 457 12.02 16.16 21.92
N VAL B 458 12.79 15.71 22.92
CA VAL B 458 13.07 14.30 23.10
C VAL B 458 12.51 13.81 24.40
N LYS B 459 11.73 12.73 24.34
CA LYS B 459 11.12 12.16 25.50
C LYS B 459 11.64 10.72 25.64
N GLU B 460 12.08 10.39 26.84
CA GLU B 460 12.74 9.14 27.15
C GLU B 460 11.92 8.38 28.16
N HIS B 461 11.98 7.06 28.09
CA HIS B 461 11.44 6.26 29.16
C HIS B 461 12.16 4.94 29.20
N GLY B 462 12.58 4.53 30.40
CA GLY B 462 13.26 3.25 30.57
C GLY B 462 12.79 2.48 31.79
N ILE B 463 12.92 1.15 31.74
CA ILE B 463 12.48 0.24 32.80
C ILE B 463 13.42 -0.97 32.91
N PRO B 464 13.34 -1.72 34.03
CA PRO B 464 14.00 -3.05 34.20
C PRO B 464 14.04 -3.95 32.96
N GLN B 467 11.96 -7.40 30.74
CA GLN B 467 11.04 -6.47 30.09
C GLN B 467 11.03 -6.63 28.57
N GLU B 468 9.85 -6.96 28.03
CA GLU B 468 9.71 -7.35 26.61
C GLU B 468 9.54 -6.17 25.67
N GLN B 469 9.04 -5.06 26.21
CA GLN B 469 8.66 -3.93 25.41
C GLN B 469 8.61 -2.71 26.30
N VAL B 470 9.30 -1.66 25.89
CA VAL B 470 9.19 -0.37 26.56
C VAL B 470 8.69 0.64 25.54
N THR B 471 8.00 1.64 26.05
CA THR B 471 7.12 2.45 25.27
C THR B 471 7.14 3.90 25.77
N VAL B 472 7.18 4.84 24.84
CA VAL B 472 7.14 6.25 25.16
C VAL B 472 6.44 6.99 24.03
N ALA B 473 5.46 7.81 24.42
CA ALA B 473 4.61 8.53 23.50
C ALA B 473 4.87 10.03 23.52
N CYS B 474 4.82 10.62 22.33
CA CYS B 474 4.78 12.06 22.19
C CYS B 474 3.48 12.60 22.76
N GLU B 475 3.53 13.88 23.10
CA GLU B 475 2.38 14.55 23.65
C GLU B 475 1.44 14.84 22.51
N GLU B 476 0.16 14.94 22.86
CA GLU B 476 -0.87 15.22 21.89
C GLU B 476 -0.50 16.48 21.14
N GLY B 477 -0.66 16.44 19.83
CA GLY B 477 -0.34 17.57 18.96
C GLY B 477 1.11 17.57 18.50
N TRP B 478 1.89 16.59 18.97
CA TRP B 478 3.26 16.40 18.52
C TRP B 478 3.33 15.15 17.65
N THR B 479 4.24 15.15 16.68
CA THR B 479 4.35 14.03 15.77
C THR B 479 5.68 13.33 16.01
N LEU B 480 5.63 12.03 16.32
CA LEU B 480 6.85 11.24 16.49
C LEU B 480 7.60 11.21 15.15
N THR B 481 8.85 11.67 15.15
CA THR B 481 9.70 11.60 13.96
C THR B 481 10.74 10.50 14.06
N GLY B 482 11.21 10.21 15.27
CA GLY B 482 12.20 9.18 15.49
C GLY B 482 11.98 8.38 16.75
N CYS B 483 12.36 7.12 16.68
CA CYS B 483 12.17 6.17 17.77
C CYS B 483 13.37 5.25 17.81
N SER B 484 14.01 5.16 18.97
CA SER B 484 15.20 4.33 19.11
C SER B 484 15.37 3.90 20.55
N ALA B 485 16.23 2.92 20.75
CA ALA B 485 16.58 2.46 22.07
C ALA B 485 17.95 3.01 22.43
N LEU B 486 18.07 3.52 23.65
CA LEU B 486 19.39 3.90 24.20
C LEU B 486 20.29 2.66 24.08
N PRO B 487 21.57 2.85 23.70
CA PRO B 487 22.49 1.70 23.60
C PRO B 487 22.99 1.23 24.97
N SER B 490 18.06 -5.53 27.43
CA SER B 490 19.43 -5.09 27.16
C SER B 490 19.84 -5.50 25.76
N HIS B 491 19.32 -6.65 25.32
CA HIS B 491 19.41 -7.05 23.92
C HIS B 491 18.09 -6.73 23.21
N VAL B 492 18.11 -5.66 22.42
CA VAL B 492 16.90 -5.18 21.81
C VAL B 492 16.73 -5.87 20.47
N LEU B 493 15.50 -6.30 20.21
CA LEU B 493 15.07 -6.83 18.92
C LEU B 493 14.91 -5.73 17.90
N GLY B 494 14.49 -4.57 18.38
CA GLY B 494 14.35 -3.43 17.49
C GLY B 494 13.47 -2.40 18.12
N ALA B 495 13.21 -1.37 17.33
CA ALA B 495 12.40 -0.25 17.76
C ALA B 495 11.56 0.17 16.58
N TYR B 496 10.39 0.70 16.86
CA TYR B 496 9.49 1.17 15.81
C TYR B 496 8.47 2.12 16.39
N ALA B 497 8.10 3.10 15.57
CA ALA B 497 7.04 4.03 15.85
C ALA B 497 5.70 3.36 15.54
N VAL B 498 4.77 3.46 16.47
CA VAL B 498 3.38 3.08 16.26
C VAL B 498 2.58 4.36 16.45
N ASP B 499 2.12 4.95 15.35
CA ASP B 499 1.47 6.26 15.40
C ASP B 499 2.47 7.22 16.04
N ASN B 500 2.17 7.77 17.23
CA ASN B 500 3.08 8.69 17.94
C ASN B 500 3.70 8.12 19.20
N THR B 501 3.76 6.79 19.25
CA THR B 501 4.36 6.05 20.33
C THR B 501 5.57 5.28 19.82
N CYS B 502 6.68 5.45 20.51
CA CYS B 502 7.92 4.76 20.17
C CYS B 502 7.95 3.47 20.96
N VAL B 503 8.10 2.35 20.26
CA VAL B 503 8.15 1.06 20.93
C VAL B 503 9.54 0.47 20.79
N VAL B 504 10.12 0.06 21.90
CA VAL B 504 11.37 -0.68 21.89
C VAL B 504 11.12 -2.10 22.37
N ARG B 505 11.61 -3.06 21.60
CA ARG B 505 11.40 -4.47 21.85
C ARG B 505 12.71 -5.09 22.27
N SER B 506 12.69 -5.83 23.36
CA SER B 506 13.85 -6.59 23.81
C SER B 506 13.46 -8.02 24.18
N ARG B 507 14.48 -8.86 24.41
CA ARG B 507 14.27 -10.27 24.76
C ARG B 507 14.03 -10.45 26.26
N ALA B 519 18.59 -1.59 32.63
CA ALA B 519 17.37 -0.88 32.29
C ALA B 519 17.35 -0.57 30.80
N VAL B 520 16.31 -1.01 30.10
CA VAL B 520 16.15 -0.70 28.67
C VAL B 520 15.36 0.59 28.51
N THR B 521 15.72 1.41 27.53
CA THR B 521 15.16 2.75 27.42
C THR B 521 14.75 3.18 26.02
N ALA B 522 13.47 3.52 25.87
CA ALA B 522 12.91 4.05 24.65
C ALA B 522 13.10 5.56 24.59
N VAL B 523 13.45 6.04 23.41
CA VAL B 523 13.69 7.47 23.16
C VAL B 523 12.91 7.92 21.92
N ALA B 524 11.99 8.86 22.10
CA ALA B 524 11.17 9.42 21.03
C ALA B 524 11.60 10.84 20.76
N ILE B 525 11.75 11.17 19.49
CA ILE B 525 11.95 12.54 19.05
C ILE B 525 10.61 12.94 18.54
N CYS B 526 10.07 14.02 19.09
CA CYS B 526 8.72 14.47 18.78
C CYS B 526 8.80 15.89 18.28
N CYS B 527 8.13 16.18 17.17
CA CYS B 527 8.18 17.50 16.55
C CYS B 527 6.81 18.04 16.25
N ARG B 528 6.73 19.34 16.08
CA ARG B 528 5.51 19.95 15.60
C ARG B 528 5.81 21.25 14.85
N SER B 529 4.83 21.70 14.10
CA SER B 529 4.81 23.03 13.49
C SER B 529 4.87 24.09 14.58
N ARG B 530 5.65 25.13 14.38
CA ARG B 530 5.91 26.11 15.44
C ARG B 530 5.01 27.32 15.23
#